data_3L2Z
#
_entry.id   3L2Z
#
_cell.length_a   79.693
_cell.length_b   62.772
_cell.length_c   105.752
_cell.angle_alpha   90.00
_cell.angle_beta   90.00
_cell.angle_gamma   90.00
#
_symmetry.space_group_name_H-M   'P 21 21 21'
#
loop_
_entity.id
_entity.type
_entity.pdbx_description
1 polymer 'BirA bifunctional protein'
2 water water
#
_entity_poly.entity_id   1
_entity_poly.type   'polypeptide(L)'
_entity_poly.pdbx_seq_one_letter_code
;MTDRDRLRPPLDERSLRDQLIGAGSGWRQLDVVAQTGSTNADLLARAASGADIDGVVLIAEHQTAGRGRHGRGWAATARA
QIILSVGVRVVDVPVQAWGWLSLAAGLAVLDSVAPLIAVPPAETGLKWPNDVLARGGKLAGILAEVAQPFVVLGVGLNVT
QAPEEVDPDATSLLDLGVAAPDRNRIASRLLRELEARIIQWRNANPQLAADYRARSLTIGSRVRVELPGGQDVVGIARDI
DDQGRLCLDVGGRTVVVSAGDVVHLR
;
_entity_poly.pdbx_strand_id   A,B
#
# COMPACT_ATOMS: atom_id res chain seq x y z
N ARG A 8 42.53 0.01 20.36
CA ARG A 8 41.29 -0.75 20.44
C ARG A 8 41.51 -2.24 20.22
N PRO A 9 41.06 -3.03 21.17
CA PRO A 9 41.30 -4.47 21.12
C PRO A 9 40.55 -5.13 19.99
N PRO A 10 41.00 -6.31 19.60
CA PRO A 10 40.31 -7.12 18.61
C PRO A 10 39.23 -7.91 19.22
N LEU A 11 38.32 -8.44 18.45
CA LEU A 11 37.29 -9.30 18.97
C LEU A 11 37.83 -10.62 19.43
N ASP A 12 37.25 -11.15 20.48
CA ASP A 12 37.66 -12.42 20.96
C ASP A 12 36.69 -13.43 20.45
N GLU A 13 37.05 -14.17 19.44
CA GLU A 13 36.11 -15.09 18.87
C GLU A 13 35.64 -16.13 19.83
N ARG A 14 36.51 -16.63 20.65
CA ARG A 14 36.11 -17.67 21.56
C ARG A 14 35.14 -17.21 22.58
N SER A 15 35.39 -16.06 23.17
CA SER A 15 34.50 -15.61 24.19
C SER A 15 33.13 -15.36 23.66
N LEU A 16 33.03 -14.84 22.48
CA LEU A 16 31.75 -14.58 21.88
C LEU A 16 30.96 -15.82 21.72
N ARG A 17 31.61 -16.89 21.33
CA ARG A 17 30.96 -18.19 21.20
C ARG A 17 30.50 -18.81 22.48
N ASP A 18 31.23 -18.62 23.53
CA ASP A 18 30.85 -19.20 24.76
C ASP A 18 29.55 -18.62 25.18
N GLN A 19 29.45 -17.33 24.98
CA GLN A 19 28.32 -16.50 25.33
C GLN A 19 27.01 -16.61 24.59
N LEU A 20 27.07 -16.86 23.30
CA LEU A 20 25.92 -16.75 22.43
C LEU A 20 25.43 -18.01 21.83
N ILE A 21 26.25 -19.03 21.89
CA ILE A 21 25.85 -20.33 21.45
C ILE A 21 25.78 -21.18 22.67
N GLY A 22 24.83 -22.06 22.84
CA GLY A 22 23.77 -22.40 21.93
C GLY A 22 22.69 -22.76 22.91
N ALA A 23 21.60 -23.33 22.44
CA ALA A 23 20.63 -23.85 23.38
C ALA A 23 20.40 -22.91 24.56
N GLY A 24 19.31 -22.17 24.57
CA GLY A 24 18.32 -22.18 23.52
C GLY A 24 18.54 -21.04 22.55
N SER A 25 19.77 -20.56 22.44
CA SER A 25 20.10 -19.45 21.60
C SER A 25 19.85 -19.78 20.17
N GLY A 26 19.53 -18.79 19.37
CA GLY A 26 19.21 -19.01 17.99
C GLY A 26 20.43 -18.98 17.12
N TRP A 27 21.56 -18.67 17.72
CA TRP A 27 22.82 -18.66 17.02
C TRP A 27 23.48 -20.03 17.09
N ARG A 28 23.73 -20.61 15.94
CA ARG A 28 24.31 -21.90 15.86
C ARG A 28 25.78 -21.88 15.61
N GLN A 29 26.24 -20.82 14.99
CA GLN A 29 27.63 -20.69 14.66
C GLN A 29 28.07 -19.26 14.65
N LEU A 30 29.33 -19.01 14.94
CA LEU A 30 29.88 -17.67 14.89
C LEU A 30 31.34 -17.72 14.53
N ASP A 31 31.78 -16.88 13.63
CA ASP A 31 33.18 -16.80 13.29
C ASP A 31 33.61 -15.36 13.21
N VAL A 32 34.85 -15.05 13.53
CA VAL A 32 35.38 -13.74 13.30
C VAL A 32 36.55 -13.88 12.37
N VAL A 33 36.71 -12.96 11.44
CA VAL A 33 37.78 -13.00 10.48
C VAL A 33 38.44 -11.66 10.44
N ALA A 34 39.74 -11.62 10.27
CA ALA A 34 40.44 -10.36 10.32
C ALA A 34 40.07 -9.44 9.20
N GLN A 35 39.79 -10.00 8.04
CA GLN A 35 39.46 -9.21 6.90
C GLN A 35 38.64 -9.97 5.90
N THR A 36 37.80 -9.25 5.18
CA THR A 36 37.04 -9.75 4.04
C THR A 36 36.44 -8.57 3.32
N GLY A 37 35.97 -8.78 2.10
CA GLY A 37 35.32 -7.73 1.37
C GLY A 37 33.95 -7.28 1.79
N SER A 38 33.09 -8.27 1.95
CA SER A 38 31.75 -8.09 2.45
C SER A 38 31.46 -9.24 3.36
N THR A 39 30.86 -8.98 4.50
CA THR A 39 30.31 -10.03 5.33
C THR A 39 29.14 -10.72 4.65
N ASN A 40 28.30 -9.94 3.98
CA ASN A 40 27.16 -10.43 3.24
C ASN A 40 27.50 -11.30 2.05
N ALA A 41 28.48 -10.91 1.28
CA ALA A 41 28.87 -11.78 0.19
C ALA A 41 29.41 -13.10 0.66
N ASP A 42 30.22 -13.07 1.70
CA ASP A 42 30.83 -14.26 2.21
C ASP A 42 29.75 -15.21 2.67
N LEU A 43 28.75 -14.70 3.33
CA LEU A 43 27.61 -15.49 3.75
C LEU A 43 26.75 -15.99 2.61
N LEU A 44 26.53 -15.17 1.61
CA LEU A 44 25.81 -15.63 0.44
C LEU A 44 26.61 -16.67 -0.33
N ALA A 45 27.90 -16.51 -0.40
CA ALA A 45 28.67 -17.51 -1.06
C ALA A 45 28.44 -18.82 -0.39
N ARG A 46 28.43 -18.83 0.91
CA ARG A 46 28.22 -20.04 1.68
C ARG A 46 26.90 -20.75 1.48
N ALA A 47 25.82 -20.00 1.42
CA ALA A 47 24.52 -20.54 1.13
C ALA A 47 24.42 -20.97 -0.30
N ALA A 48 25.05 -20.20 -1.15
CA ALA A 48 25.00 -20.43 -2.57
C ALA A 48 25.57 -21.77 -2.83
N SER A 49 26.48 -22.16 -1.97
CA SER A 49 27.25 -23.35 -2.15
C SER A 49 26.67 -24.47 -1.34
N GLY A 50 25.44 -24.29 -0.92
CA GLY A 50 24.76 -25.31 -0.15
C GLY A 50 24.84 -25.31 1.36
N ALA A 51 25.53 -24.35 1.92
CA ALA A 51 25.55 -24.20 3.36
C ALA A 51 24.20 -23.77 3.94
N ASP A 52 23.84 -24.27 5.10
CA ASP A 52 22.68 -23.72 5.77
C ASP A 52 23.18 -22.63 6.65
N ILE A 53 22.87 -21.39 6.30
CA ILE A 53 23.36 -20.27 7.06
C ILE A 53 22.40 -19.71 8.07
N ASP A 54 21.30 -20.37 8.31
CA ASP A 54 20.39 -19.85 9.28
C ASP A 54 21.09 -19.87 10.59
N GLY A 55 21.01 -18.81 11.36
CA GLY A 55 21.58 -18.78 12.68
C GLY A 55 23.06 -18.56 12.70
N VAL A 56 23.63 -18.14 11.60
CA VAL A 56 25.06 -18.06 11.49
C VAL A 56 25.50 -16.64 11.54
N VAL A 57 26.53 -16.34 12.32
CA VAL A 57 27.03 -15.01 12.47
C VAL A 57 28.40 -14.94 11.89
N LEU A 58 28.64 -13.95 11.06
CA LEU A 58 29.98 -13.68 10.61
C LEU A 58 30.38 -12.29 10.97
N ILE A 59 31.50 -12.15 11.64
CA ILE A 59 31.98 -10.85 12.02
C ILE A 59 33.31 -10.59 11.36
N ALA A 60 33.52 -9.38 10.92
CA ALA A 60 34.77 -9.04 10.29
C ALA A 60 35.40 -7.93 11.03
N GLU A 61 36.65 -8.07 11.35
CA GLU A 61 37.36 -6.97 11.96
C GLU A 61 37.59 -5.83 11.01
N HIS A 62 37.74 -6.16 9.73
CA HIS A 62 37.88 -5.13 8.70
C HIS A 62 37.22 -5.55 7.39
N GLN A 63 36.57 -4.61 6.72
CA GLN A 63 35.97 -4.83 5.39
C GLN A 63 36.72 -4.03 4.33
N THR A 64 37.16 -4.68 3.28
CA THR A 64 37.94 -4.04 2.26
C THR A 64 37.11 -3.07 1.43
N THR A 77 38.67 2.59 9.54
CA THR A 77 39.71 1.59 9.41
C THR A 77 39.44 0.37 10.24
N ALA A 78 40.34 -0.57 10.23
CA ALA A 78 40.06 -1.85 10.85
C ALA A 78 39.82 -1.76 12.33
N ARG A 79 38.81 -2.48 12.81
CA ARG A 79 38.54 -2.59 14.23
C ARG A 79 37.92 -1.33 14.80
N ALA A 80 37.53 -0.38 13.96
CA ALA A 80 36.88 0.83 14.42
C ALA A 80 35.38 0.76 14.25
N GLN A 81 34.94 -0.33 13.69
CA GLN A 81 33.53 -0.57 13.51
C GLN A 81 33.18 -1.97 13.87
N ILE A 82 31.95 -2.20 14.25
CA ILE A 82 31.45 -3.54 14.34
C ILE A 82 30.69 -3.83 13.07
N ILE A 83 31.22 -4.76 12.30
CA ILE A 83 30.62 -5.23 11.09
C ILE A 83 30.29 -6.68 11.25
N LEU A 84 29.03 -7.05 11.16
CA LEU A 84 28.65 -8.43 11.21
C LEU A 84 27.60 -8.73 10.22
N SER A 85 27.38 -9.99 9.96
CA SER A 85 26.28 -10.42 9.15
C SER A 85 25.63 -11.64 9.74
N VAL A 86 24.34 -11.75 9.56
CA VAL A 86 23.65 -12.88 10.07
C VAL A 86 22.77 -13.45 9.00
N GLY A 87 22.43 -14.72 9.09
CA GLY A 87 21.62 -15.37 8.12
C GLY A 87 20.37 -15.83 8.80
N VAL A 88 19.25 -15.76 8.11
CA VAL A 88 17.98 -16.23 8.64
C VAL A 88 17.24 -17.00 7.61
N ARG A 89 16.59 -18.08 7.96
CA ARG A 89 15.74 -18.72 7.00
C ARG A 89 14.41 -18.06 7.04
N VAL A 90 14.01 -17.46 5.93
CA VAL A 90 12.78 -16.72 5.84
C VAL A 90 11.65 -17.45 5.16
N VAL A 91 11.94 -18.52 4.48
CA VAL A 91 11.04 -19.15 3.54
C VAL A 91 9.75 -19.61 4.17
N ASP A 92 9.73 -19.72 5.47
CA ASP A 92 8.57 -20.25 6.15
C ASP A 92 7.72 -19.14 6.64
N VAL A 93 8.03 -17.93 6.18
CA VAL A 93 7.32 -16.74 6.61
C VAL A 93 6.81 -16.12 5.37
N PRO A 94 5.69 -15.43 5.43
CA PRO A 94 5.09 -14.84 4.25
C PRO A 94 5.94 -13.79 3.64
N VAL A 95 6.03 -13.81 2.34
CA VAL A 95 6.99 -13.00 1.67
C VAL A 95 6.77 -11.54 1.92
N GLN A 96 5.60 -11.19 2.39
CA GLN A 96 5.27 -9.80 2.54
C GLN A 96 5.68 -9.32 3.90
N ALA A 97 6.28 -10.18 4.71
CA ALA A 97 6.79 -9.75 5.99
C ALA A 97 8.28 -9.72 6.06
N TRP A 98 8.94 -10.05 4.98
CA TRP A 98 10.37 -10.01 4.96
C TRP A 98 10.85 -8.59 5.12
N GLY A 99 10.06 -7.67 4.66
CA GLY A 99 10.45 -6.30 4.69
C GLY A 99 10.65 -5.81 6.08
N TRP A 100 10.05 -6.47 7.05
CA TRP A 100 10.18 -6.04 8.42
C TRP A 100 11.44 -6.55 9.08
N LEU A 101 12.13 -7.46 8.45
CA LEU A 101 13.37 -7.91 8.97
C LEU A 101 14.50 -6.92 9.05
N SER A 102 14.71 -6.14 8.04
CA SER A 102 15.68 -5.07 8.09
C SER A 102 15.33 -3.95 9.03
N LEU A 103 14.05 -3.75 9.29
CA LEU A 103 13.59 -2.84 10.33
C LEU A 103 13.81 -3.31 11.73
N ALA A 104 13.56 -4.57 11.95
CA ALA A 104 13.81 -5.18 13.20
C ALA A 104 15.28 -5.12 13.52
N ALA A 105 16.13 -5.23 12.54
CA ALA A 105 17.55 -5.11 12.76
C ALA A 105 18.00 -3.76 13.24
N GLY A 106 17.49 -2.68 12.71
CA GLY A 106 17.85 -1.39 13.23
C GLY A 106 17.42 -1.15 14.64
N LEU A 107 16.25 -1.60 14.98
CA LEU A 107 15.77 -1.51 16.33
C LEU A 107 16.68 -2.24 17.24
N ALA A 108 17.20 -3.36 16.85
CA ALA A 108 18.13 -4.11 17.64
C ALA A 108 19.40 -3.36 17.88
N VAL A 109 19.87 -2.63 16.89
CA VAL A 109 21.05 -1.82 17.04
C VAL A 109 20.87 -0.64 17.93
N LEU A 110 19.79 0.06 17.76
CA LEU A 110 19.49 1.15 18.62
C LEU A 110 19.30 0.72 20.04
N ASP A 111 18.60 -0.36 20.25
CA ASP A 111 18.39 -0.85 21.57
C ASP A 111 19.66 -1.26 22.26
N SER A 112 20.53 -1.95 21.58
CA SER A 112 21.76 -2.44 22.17
C SER A 112 22.74 -1.36 22.49
N VAL A 113 22.56 -0.20 21.92
CA VAL A 113 23.54 0.84 21.97
C VAL A 113 23.08 2.02 22.78
N ALA A 114 21.77 2.12 22.98
CA ALA A 114 21.19 3.24 23.71
C ALA A 114 21.53 3.40 25.18
N PRO A 115 21.62 2.31 25.87
CA PRO A 115 21.89 2.33 27.28
C PRO A 115 23.20 3.01 27.57
N LEU A 116 24.17 2.89 26.68
CA LEU A 116 25.52 3.36 26.93
C LEU A 116 25.84 4.71 26.34
N ILE A 117 24.80 5.46 26.05
CA ILE A 117 24.93 6.65 25.24
C ILE A 117 24.60 7.93 26.00
N ALA A 118 25.44 8.94 25.85
CA ALA A 118 25.29 10.18 26.55
C ALA A 118 24.04 10.94 26.18
N VAL A 119 23.66 10.92 24.91
CA VAL A 119 22.54 11.67 24.43
C VAL A 119 21.23 11.17 25.00
N PRO A 120 20.20 11.99 24.97
CA PRO A 120 18.88 11.59 25.40
C PRO A 120 18.23 10.66 24.43
N PRO A 121 17.50 9.68 24.89
CA PRO A 121 17.01 8.69 23.97
C PRO A 121 16.22 9.37 22.90
N ALA A 122 15.66 10.51 23.23
CA ALA A 122 14.79 11.24 22.33
C ALA A 122 15.49 11.84 21.13
N GLU A 123 16.80 11.99 21.22
CA GLU A 123 17.58 12.57 20.16
C GLU A 123 18.09 11.54 19.17
N THR A 124 17.85 10.28 19.47
CA THR A 124 18.30 9.18 18.64
C THR A 124 17.13 8.35 18.20
N GLY A 125 17.16 7.80 17.01
CA GLY A 125 16.02 7.09 16.45
C GLY A 125 16.30 6.35 15.19
N LEU A 126 15.25 5.82 14.60
CA LEU A 126 15.36 5.04 13.41
C LEU A 126 14.93 5.80 12.23
N LYS A 127 15.71 5.77 11.18
CA LYS A 127 15.33 6.44 9.99
C LYS A 127 15.03 5.39 8.96
N TRP A 128 13.83 5.38 8.41
CA TRP A 128 13.39 4.32 7.53
C TRP A 128 14.13 4.27 6.23
N PRO A 129 14.62 3.14 5.78
CA PRO A 129 14.44 1.85 6.39
C PRO A 129 15.71 1.32 6.98
N ASN A 130 16.81 1.94 6.69
CA ASN A 130 18.10 1.37 6.98
C ASN A 130 18.94 1.93 8.08
N ASP A 131 18.61 3.06 8.64
CA ASP A 131 19.57 3.79 9.44
C ASP A 131 19.25 4.05 10.89
N VAL A 132 20.25 4.00 11.71
CA VAL A 132 20.10 4.34 13.08
C VAL A 132 20.78 5.65 13.20
N LEU A 133 20.10 6.63 13.75
CA LEU A 133 20.65 7.96 13.85
C LEU A 133 20.78 8.37 15.29
N ALA A 134 21.88 9.04 15.60
CA ALA A 134 22.05 9.69 16.88
C ALA A 134 22.43 11.12 16.71
N ARG A 135 21.66 12.00 17.29
CA ARG A 135 21.88 13.42 17.18
C ARG A 135 22.00 13.86 15.75
N GLY A 136 21.29 13.17 14.88
CA GLY A 136 21.24 13.54 13.48
C GLY A 136 22.25 12.90 12.58
N GLY A 137 23.12 12.07 13.13
CA GLY A 137 24.16 11.46 12.33
C GLY A 137 24.14 9.96 12.30
N LYS A 138 24.51 9.36 11.19
CA LYS A 138 24.27 7.96 11.06
C LYS A 138 25.20 7.19 11.91
N LEU A 139 24.67 6.60 12.96
CA LEU A 139 25.36 5.65 13.81
C LEU A 139 25.64 4.30 13.25
N ALA A 140 24.65 3.73 12.58
CA ALA A 140 24.75 2.40 12.00
C ALA A 140 23.90 2.25 10.75
N GLY A 141 24.21 1.31 9.91
CA GLY A 141 23.38 1.02 8.79
C GLY A 141 23.02 -0.43 8.67
N ILE A 142 21.89 -0.71 8.07
CA ILE A 142 21.44 -2.07 7.92
C ILE A 142 21.33 -2.36 6.47
N LEU A 143 21.75 -3.56 6.10
CA LEU A 143 21.68 -4.01 4.74
C LEU A 143 21.10 -5.40 4.61
N ALA A 144 19.88 -5.53 4.16
CA ALA A 144 19.36 -6.85 3.93
C ALA A 144 19.45 -7.22 2.47
N GLU A 145 20.02 -8.37 2.20
CA GLU A 145 20.02 -8.95 0.88
C GLU A 145 19.35 -10.27 0.96
N VAL A 146 18.41 -10.53 0.07
CA VAL A 146 17.73 -11.80 0.09
C VAL A 146 18.25 -12.74 -0.97
N ALA A 147 18.23 -14.00 -0.59
CA ALA A 147 18.71 -15.08 -1.40
C ALA A 147 18.08 -16.36 -0.93
N GLN A 148 16.92 -16.70 -1.40
CA GLN A 148 16.15 -17.74 -0.76
C GLN A 148 16.84 -19.07 -0.71
N PRO A 149 16.68 -19.76 0.38
CA PRO A 149 15.58 -19.56 1.31
C PRO A 149 15.93 -18.57 2.38
N PHE A 150 16.94 -17.74 2.19
CA PHE A 150 17.52 -16.98 3.26
C PHE A 150 17.50 -15.51 3.03
N VAL A 151 17.62 -14.77 4.10
CA VAL A 151 17.99 -13.37 4.01
C VAL A 151 19.24 -13.18 4.80
N VAL A 152 20.12 -12.33 4.32
CA VAL A 152 21.34 -12.03 5.03
C VAL A 152 21.26 -10.62 5.53
N LEU A 153 21.28 -10.45 6.82
CA LEU A 153 21.28 -9.13 7.41
C LEU A 153 22.68 -8.71 7.74
N GLY A 154 23.09 -7.55 7.28
CA GLY A 154 24.40 -7.07 7.52
C GLY A 154 24.31 -5.83 8.36
N VAL A 155 25.16 -5.71 9.35
CA VAL A 155 25.14 -4.56 10.24
C VAL A 155 26.46 -3.88 10.23
N GLY A 156 26.46 -2.58 10.15
CA GLY A 156 27.66 -1.84 10.37
C GLY A 156 27.46 -0.73 11.36
N LEU A 157 28.16 -0.83 12.48
CA LEU A 157 28.07 0.17 13.54
C LEU A 157 29.40 0.87 13.76
N ASN A 158 29.39 2.20 13.67
CA ASN A 158 30.61 2.98 13.86
C ASN A 158 30.97 3.16 15.34
N VAL A 159 31.98 2.42 15.79
CA VAL A 159 32.41 2.49 17.17
C VAL A 159 33.46 3.58 17.36
N THR A 160 34.60 3.45 16.69
CA THR A 160 35.67 4.43 16.78
C THR A 160 36.07 4.94 15.40
N GLN A 161 35.15 5.64 14.75
CA GLN A 161 35.41 6.19 13.42
C GLN A 161 35.87 7.64 13.50
N PRO A 168 31.26 11.04 5.45
CA PRO A 168 30.53 12.31 5.40
C PRO A 168 30.15 12.80 6.79
N ASP A 169 28.87 13.14 6.96
CA ASP A 169 28.29 13.48 8.25
C ASP A 169 27.68 12.26 8.96
N ALA A 170 28.51 11.53 9.67
CA ALA A 170 28.16 10.34 10.41
C ALA A 170 28.73 10.51 11.80
N THR A 171 28.48 9.55 12.66
CA THR A 171 28.75 9.65 14.07
C THR A 171 29.22 8.32 14.64
N SER A 172 29.70 8.30 15.86
CA SER A 172 30.22 7.09 16.45
C SER A 172 30.06 7.06 17.95
N LEU A 173 30.14 5.89 18.53
CA LEU A 173 29.88 5.78 19.92
C LEU A 173 30.87 6.66 20.62
N LEU A 174 32.04 6.84 20.04
CA LEU A 174 33.01 7.68 20.68
C LEU A 174 32.59 9.12 20.75
N ASP A 175 32.11 9.65 19.64
CA ASP A 175 31.65 11.02 19.62
C ASP A 175 30.45 11.19 20.52
N LEU A 176 29.82 10.08 20.84
CA LEU A 176 28.56 10.07 21.54
C LEU A 176 28.74 9.90 23.02
N GLY A 177 29.99 10.01 23.46
CA GLY A 177 30.33 9.88 24.86
C GLY A 177 30.81 8.55 25.37
N VAL A 178 30.82 7.55 24.54
CA VAL A 178 31.31 6.30 25.05
C VAL A 178 32.81 6.39 25.04
N ALA A 179 33.39 6.61 26.20
CA ALA A 179 34.82 6.84 26.31
C ALA A 179 35.73 5.71 25.89
N ALA A 180 35.50 4.52 26.39
CA ALA A 180 36.15 3.38 25.80
C ALA A 180 35.10 2.38 25.59
N PRO A 181 34.83 2.06 24.34
CA PRO A 181 33.82 1.09 24.01
C PRO A 181 34.39 -0.29 23.91
N ASP A 182 33.67 -1.27 24.43
CA ASP A 182 34.10 -2.63 24.40
C ASP A 182 33.43 -3.24 23.22
N ARG A 183 34.12 -3.44 22.13
CA ARG A 183 33.52 -4.02 20.95
C ARG A 183 33.06 -5.37 21.23
N ASN A 184 33.72 -6.10 22.10
CA ASN A 184 33.30 -7.45 22.41
C ASN A 184 31.97 -7.47 23.07
N ARG A 185 31.79 -6.59 24.03
CA ARG A 185 30.56 -6.36 24.74
C ARG A 185 29.44 -5.77 23.90
N ILE A 186 29.78 -4.83 23.06
CA ILE A 186 28.83 -4.30 22.13
C ILE A 186 28.34 -5.26 21.08
N ALA A 187 29.25 -6.00 20.51
CA ALA A 187 28.86 -6.99 19.55
C ALA A 187 27.99 -7.99 20.19
N SER A 188 28.30 -8.36 21.39
CA SER A 188 27.57 -9.35 22.15
C SER A 188 26.16 -8.97 22.50
N ARG A 189 25.97 -7.75 22.96
CA ARG A 189 24.68 -7.19 23.20
C ARG A 189 23.89 -7.02 21.94
N LEU A 190 24.54 -6.62 20.88
CA LEU A 190 23.91 -6.46 19.59
C LEU A 190 23.34 -7.73 19.06
N LEU A 191 24.05 -8.80 19.18
CA LEU A 191 23.56 -10.09 18.80
C LEU A 191 22.40 -10.56 19.62
N ARG A 192 22.39 -10.24 20.90
CA ARG A 192 21.30 -10.55 21.79
C ARG A 192 19.99 -9.88 21.48
N GLU A 193 20.00 -8.60 21.23
CA GLU A 193 18.84 -7.93 20.73
C GLU A 193 18.42 -8.37 19.38
N LEU A 194 19.37 -8.64 18.51
CA LEU A 194 19.06 -9.08 17.17
C LEU A 194 18.34 -10.37 17.22
N GLU A 195 18.72 -11.24 18.13
CA GLU A 195 18.03 -12.48 18.35
C GLU A 195 16.62 -12.30 18.86
N ALA A 196 16.44 -11.38 19.77
CA ALA A 196 15.14 -11.05 20.29
C ALA A 196 14.18 -10.52 19.26
N ARG A 197 14.60 -9.60 18.43
CA ARG A 197 13.78 -9.07 17.39
C ARG A 197 13.45 -10.03 16.29
N ILE A 198 14.38 -10.87 15.93
CA ILE A 198 14.14 -11.87 14.91
C ILE A 198 13.10 -12.85 15.36
N ILE A 199 13.09 -13.12 16.63
CA ILE A 199 12.08 -13.97 17.17
C ILE A 199 10.71 -13.37 17.10
N GLN A 200 10.61 -12.11 17.46
CA GLN A 200 9.37 -11.38 17.41
C GLN A 200 8.87 -11.28 16.01
N TRP A 201 9.74 -11.06 15.05
CA TRP A 201 9.36 -10.98 13.67
C TRP A 201 8.84 -12.29 13.16
N ARG A 202 9.46 -13.36 13.58
CA ARG A 202 9.06 -14.69 13.19
C ARG A 202 7.71 -15.07 13.71
N ASN A 203 7.33 -14.46 14.82
CA ASN A 203 6.08 -14.73 15.48
C ASN A 203 5.02 -13.73 15.14
N ALA A 204 5.21 -12.95 14.11
CA ALA A 204 4.17 -12.05 13.81
C ALA A 204 3.82 -11.37 15.10
N ASN A 205 4.78 -10.86 15.82
CA ASN A 205 4.49 -10.16 17.05
C ASN A 205 4.21 -8.71 16.77
N PRO A 206 3.13 -8.17 17.29
CA PRO A 206 2.77 -6.80 17.00
C PRO A 206 3.62 -5.83 17.74
N GLN A 207 4.32 -6.27 18.76
CA GLN A 207 5.25 -5.45 19.51
C GLN A 207 6.46 -4.98 18.74
N LEU A 208 6.92 -5.78 17.80
CA LEU A 208 8.03 -5.37 17.01
C LEU A 208 7.75 -4.14 16.23
N ALA A 209 6.62 -4.09 15.58
CA ALA A 209 6.19 -2.92 14.89
C ALA A 209 5.93 -1.74 15.80
N ALA A 210 5.30 -1.96 16.92
CA ALA A 210 5.11 -0.89 17.89
C ALA A 210 6.38 -0.35 18.45
N ASP A 211 7.32 -1.19 18.79
CA ASP A 211 8.60 -0.73 19.24
C ASP A 211 9.29 0.06 18.15
N TYR A 212 9.20 -0.37 16.92
CA TYR A 212 9.76 0.35 15.80
C TYR A 212 9.14 1.68 15.57
N ARG A 213 7.85 1.80 15.69
CA ARG A 213 7.24 3.09 15.61
C ARG A 213 7.60 4.00 16.74
N ALA A 214 7.74 3.50 17.93
CA ALA A 214 8.05 4.33 19.07
C ALA A 214 9.38 4.97 18.91
N ARG A 215 10.26 4.35 18.18
CA ARG A 215 11.58 4.89 17.98
C ARG A 215 11.88 5.48 16.62
N SER A 216 10.91 5.55 15.74
CA SER A 216 11.09 6.18 14.45
C SER A 216 11.25 7.66 14.52
N LEU A 217 12.30 8.16 13.92
CA LEU A 217 12.46 9.53 13.51
C LEU A 217 11.58 9.95 12.39
N THR A 218 11.40 9.04 11.47
CA THR A 218 10.63 9.25 10.27
C THR A 218 9.13 9.45 10.40
N ILE A 219 8.48 8.73 11.27
CA ILE A 219 7.06 8.87 11.42
C ILE A 219 6.74 10.17 12.07
N GLY A 220 5.78 10.88 11.50
CA GLY A 220 5.35 12.15 11.99
C GLY A 220 6.14 13.26 11.39
N SER A 221 7.02 12.90 10.50
CA SER A 221 7.94 13.81 9.90
C SER A 221 7.60 14.13 8.49
N ARG A 222 7.89 15.32 8.02
CA ARG A 222 7.74 15.60 6.62
C ARG A 222 8.91 15.00 5.96
N VAL A 223 8.71 14.28 4.87
CA VAL A 223 9.80 13.61 4.19
C VAL A 223 9.70 13.73 2.71
N ARG A 224 10.81 13.70 2.04
CA ARG A 224 10.82 13.61 0.60
C ARG A 224 11.37 12.28 0.21
N VAL A 225 10.71 11.63 -0.73
CA VAL A 225 11.18 10.38 -1.23
C VAL A 225 11.68 10.57 -2.62
N GLU A 226 12.92 10.22 -2.90
CA GLU A 226 13.41 10.45 -4.21
C GLU A 226 13.21 9.23 -5.02
N LEU A 227 12.71 9.41 -6.22
CA LEU A 227 12.40 8.29 -7.06
C LEU A 227 13.18 8.42 -8.34
N PRO A 228 13.34 7.32 -9.04
CA PRO A 228 14.17 7.27 -10.22
C PRO A 228 13.71 8.20 -11.28
N GLY A 229 14.60 8.76 -12.08
CA GLY A 229 14.19 9.73 -13.05
C GLY A 229 14.02 11.13 -12.55
N GLY A 230 14.57 11.44 -11.40
CA GLY A 230 14.41 12.77 -10.88
C GLY A 230 13.04 13.08 -10.34
N GLN A 231 12.27 12.09 -9.99
CA GLN A 231 10.95 12.27 -9.47
C GLN A 231 10.98 12.17 -7.97
N ASP A 232 10.13 12.90 -7.28
CA ASP A 232 10.09 12.79 -5.86
C ASP A 232 8.71 13.00 -5.34
N VAL A 233 8.45 12.49 -4.14
CA VAL A 233 7.20 12.71 -3.43
C VAL A 233 7.49 13.32 -2.10
N VAL A 234 6.71 14.29 -1.71
CA VAL A 234 6.84 14.85 -0.40
C VAL A 234 5.52 14.75 0.31
N GLY A 235 5.57 14.28 1.54
CA GLY A 235 4.39 13.98 2.30
C GLY A 235 4.77 13.85 3.74
N ILE A 236 3.85 13.49 4.59
CA ILE A 236 4.16 13.26 5.96
C ILE A 236 4.14 11.78 6.18
N ALA A 237 5.21 11.25 6.73
CA ALA A 237 5.24 9.86 7.01
C ALA A 237 4.28 9.64 8.13
N ARG A 238 3.32 8.77 7.91
CA ARG A 238 2.33 8.51 8.90
C ARG A 238 2.38 7.16 9.57
N ASP A 239 2.87 6.16 8.87
CA ASP A 239 2.88 4.81 9.40
C ASP A 239 3.81 3.91 8.65
N ILE A 240 3.93 2.67 9.10
CA ILE A 240 4.64 1.66 8.40
C ILE A 240 3.69 0.56 8.25
N ASP A 241 3.48 0.08 7.05
CA ASP A 241 2.53 -1.01 6.78
C ASP A 241 3.06 -2.40 6.97
N ASP A 242 2.22 -3.38 6.85
CA ASP A 242 2.55 -4.69 7.30
C ASP A 242 3.74 -5.23 6.58
N GLN A 243 4.08 -4.63 5.46
CA GLN A 243 5.16 -5.10 4.65
C GLN A 243 6.41 -4.31 4.83
N GLY A 244 6.42 -3.40 5.78
CA GLY A 244 7.56 -2.55 6.03
C GLY A 244 7.71 -1.34 5.16
N ARG A 245 6.64 -0.86 4.60
CA ARG A 245 6.77 0.22 3.69
C ARG A 245 6.28 1.48 4.28
N LEU A 246 6.67 2.59 3.72
CA LEU A 246 6.38 3.86 4.29
C LEU A 246 5.08 4.41 3.80
N CYS A 247 4.25 4.88 4.68
CA CYS A 247 3.02 5.45 4.27
C CYS A 247 3.09 6.91 4.43
N LEU A 248 2.82 7.62 3.35
CA LEU A 248 2.86 9.05 3.33
C LEU A 248 1.49 9.59 3.22
N ASP A 249 1.25 10.70 3.87
CA ASP A 249 0.04 11.43 3.70
C ASP A 249 0.40 12.49 2.76
N VAL A 250 -0.18 12.48 1.58
CA VAL A 250 0.05 13.54 0.63
C VAL A 250 -1.26 14.24 0.33
N GLY A 251 -1.55 15.28 1.07
CA GLY A 251 -2.77 16.00 0.88
C GLY A 251 -4.04 15.27 1.22
N GLY A 252 -3.93 14.30 2.09
CA GLY A 252 -5.04 13.45 2.41
C GLY A 252 -5.19 12.20 1.59
N ARG A 253 -4.24 11.94 0.72
CA ARG A 253 -4.23 10.69 0.01
C ARG A 253 -3.08 9.89 0.52
N THR A 254 -3.21 8.59 0.57
CA THR A 254 -2.15 7.80 1.11
C THR A 254 -1.30 7.36 -0.03
N VAL A 255 0.00 7.52 0.09
CA VAL A 255 0.92 7.02 -0.87
C VAL A 255 1.82 6.08 -0.12
N VAL A 256 1.95 4.84 -0.55
CA VAL A 256 2.85 3.89 0.07
C VAL A 256 4.04 3.64 -0.80
N VAL A 257 5.24 3.70 -0.25
CA VAL A 257 6.43 3.45 -1.02
C VAL A 257 7.23 2.30 -0.47
N SER A 258 7.81 1.51 -1.36
CA SER A 258 8.65 0.40 -1.02
C SER A 258 10.05 0.81 -0.69
N ALA A 259 10.78 -0.01 0.03
CA ALA A 259 11.98 0.49 0.63
C ALA A 259 12.89 1.18 -0.35
N GLY A 260 13.36 2.34 0.07
CA GLY A 260 14.11 3.26 -0.76
C GLY A 260 14.66 4.29 0.17
N ASP A 261 15.09 5.43 -0.34
CA ASP A 261 15.75 6.43 0.46
C ASP A 261 14.94 7.67 0.67
N VAL A 262 14.90 8.14 1.90
CA VAL A 262 14.13 9.34 2.23
C VAL A 262 14.96 10.39 2.93
N VAL A 263 14.54 11.62 2.83
CA VAL A 263 15.23 12.72 3.46
C VAL A 263 14.25 13.32 4.38
N HIS A 264 14.64 13.68 5.59
CA HIS A 264 13.76 14.41 6.45
C HIS A 264 13.82 15.87 6.08
N LEU A 265 12.82 16.65 6.45
CA LEU A 265 12.74 18.03 6.05
C LEU A 265 12.47 18.89 7.27
N ARG B 8 -36.47 9.73 -26.08
CA ARG B 8 -36.32 10.18 -24.71
C ARG B 8 -37.57 10.07 -23.90
N PRO B 9 -38.08 8.87 -23.77
CA PRO B 9 -39.21 8.58 -22.92
C PRO B 9 -38.75 8.70 -21.51
N PRO B 10 -39.62 9.00 -20.58
CA PRO B 10 -39.24 9.06 -19.18
C PRO B 10 -39.07 7.67 -18.59
N LEU B 11 -38.31 7.53 -17.53
CA LEU B 11 -38.21 6.25 -16.90
C LEU B 11 -39.55 5.92 -16.32
N ASP B 12 -39.91 4.66 -16.36
CA ASP B 12 -41.12 4.22 -15.72
C ASP B 12 -40.78 3.68 -14.36
N GLU B 13 -41.10 4.45 -13.35
CA GLU B 13 -40.90 3.99 -12.00
C GLU B 13 -41.73 2.77 -11.69
N ARG B 14 -42.94 2.70 -12.22
CA ARG B 14 -43.71 1.52 -11.93
C ARG B 14 -43.10 0.28 -12.48
N SER B 15 -42.62 0.34 -13.71
CA SER B 15 -42.00 -0.81 -14.35
C SER B 15 -40.75 -1.26 -13.65
N LEU B 16 -39.92 -0.32 -13.25
CA LEU B 16 -38.72 -0.64 -12.51
C LEU B 16 -38.95 -1.24 -11.16
N ARG B 17 -39.89 -0.71 -10.40
CA ARG B 17 -40.20 -1.32 -9.16
C ARG B 17 -40.68 -2.74 -9.35
N ASP B 18 -41.49 -2.97 -10.35
CA ASP B 18 -41.99 -4.29 -10.66
C ASP B 18 -40.90 -5.25 -11.07
N GLN B 19 -39.92 -4.79 -11.82
CA GLN B 19 -38.77 -5.61 -12.17
C GLN B 19 -37.88 -5.94 -11.02
N LEU B 20 -37.69 -4.95 -10.16
CA LEU B 20 -36.71 -5.02 -9.12
C LEU B 20 -37.14 -5.02 -7.65
N ILE B 21 -38.41 -5.11 -7.36
CA ILE B 21 -38.84 -5.09 -5.96
C ILE B 21 -39.77 -6.23 -5.64
N GLY B 22 -39.16 -7.36 -5.28
CA GLY B 22 -39.86 -8.57 -4.94
C GLY B 22 -38.96 -9.80 -5.03
N ALA B 23 -38.89 -10.40 -6.20
CA ALA B 23 -38.07 -11.59 -6.37
C ALA B 23 -36.70 -11.27 -6.94
N GLY B 24 -35.67 -11.83 -6.32
CA GLY B 24 -34.29 -11.59 -6.71
C GLY B 24 -33.71 -10.21 -6.74
N SER B 25 -34.11 -9.41 -5.76
CA SER B 25 -33.53 -8.09 -5.56
C SER B 25 -33.33 -7.81 -4.09
N GLY B 26 -32.18 -7.28 -3.77
CA GLY B 26 -31.95 -6.82 -2.44
C GLY B 26 -32.28 -5.38 -2.37
N TRP B 27 -32.67 -4.83 -3.51
CA TRP B 27 -33.03 -3.45 -3.49
C TRP B 27 -34.37 -3.34 -2.79
N ARG B 28 -34.45 -2.50 -1.77
CA ARG B 28 -35.63 -2.41 -0.93
CA ARG B 28 -35.63 -2.41 -0.94
C ARG B 28 -36.60 -1.36 -1.44
N GLN B 29 -36.06 -0.24 -1.91
CA GLN B 29 -36.88 0.89 -2.32
C GLN B 29 -36.34 1.63 -3.53
N LEU B 30 -37.21 2.02 -4.44
CA LEU B 30 -36.81 2.78 -5.61
C LEU B 30 -37.69 3.99 -5.86
N ASP B 31 -37.09 5.13 -6.16
CA ASP B 31 -37.82 6.31 -6.53
C ASP B 31 -37.21 6.97 -7.72
N VAL B 32 -38.02 7.60 -8.55
CA VAL B 32 -37.53 8.40 -9.66
C VAL B 32 -38.01 9.78 -9.42
N VAL B 33 -37.18 10.77 -9.67
CA VAL B 33 -37.60 12.14 -9.47
C VAL B 33 -37.35 13.05 -10.64
N ALA B 34 -38.21 14.01 -10.84
CA ALA B 34 -38.16 14.78 -12.06
C ALA B 34 -36.87 15.51 -12.17
N GLN B 35 -36.43 16.04 -11.05
CA GLN B 35 -35.23 16.85 -11.03
C GLN B 35 -34.67 16.90 -9.65
N THR B 36 -33.37 17.08 -9.51
CA THR B 36 -32.76 17.25 -8.22
C THR B 36 -31.38 17.85 -8.37
N GLY B 37 -30.85 18.42 -7.31
CA GLY B 37 -29.49 18.87 -7.38
C GLY B 37 -28.41 17.83 -7.41
N SER B 38 -28.48 16.87 -6.52
CA SER B 38 -27.61 15.71 -6.53
C SER B 38 -28.38 14.59 -5.93
N THR B 39 -28.30 13.40 -6.50
CA THR B 39 -28.78 12.17 -5.88
C THR B 39 -27.97 11.75 -4.68
N ASN B 40 -26.68 11.93 -4.73
CA ASN B 40 -25.82 11.58 -3.63
C ASN B 40 -26.13 12.40 -2.42
N ALA B 41 -26.39 13.68 -2.66
CA ALA B 41 -26.80 14.60 -1.64
C ALA B 41 -28.12 14.23 -1.03
N ASP B 42 -29.04 13.81 -1.86
CA ASP B 42 -30.35 13.40 -1.44
C ASP B 42 -30.31 12.18 -0.57
N LEU B 43 -29.50 11.20 -0.92
CA LEU B 43 -29.32 10.03 -0.09
C LEU B 43 -28.57 10.23 1.20
N LEU B 44 -27.53 11.03 1.15
CA LEU B 44 -26.79 11.40 2.34
C LEU B 44 -27.63 12.19 3.34
N ALA B 45 -28.47 13.06 2.83
CA ALA B 45 -29.42 13.82 3.61
C ALA B 45 -30.44 12.97 4.27
N ARG B 46 -30.94 12.00 3.55
CA ARG B 46 -31.86 11.05 4.14
C ARG B 46 -31.18 10.26 5.23
N ALA B 47 -29.92 9.95 5.05
CA ALA B 47 -29.20 9.27 6.08
C ALA B 47 -29.10 10.17 7.27
N ALA B 48 -28.96 11.44 7.00
CA ALA B 48 -28.74 12.43 8.00
C ALA B 48 -29.90 12.46 8.96
N SER B 49 -31.02 11.99 8.49
CA SER B 49 -32.22 12.09 9.26
C SER B 49 -32.63 10.75 9.77
N GLY B 50 -31.68 9.84 9.78
CA GLY B 50 -31.94 8.53 10.31
C GLY B 50 -32.61 7.50 9.43
N ALA B 51 -32.75 7.81 8.15
CA ALA B 51 -33.25 6.87 7.18
C ALA B 51 -32.24 5.79 6.85
N ASP B 52 -32.68 4.55 6.75
CA ASP B 52 -31.76 3.51 6.42
C ASP B 52 -31.72 3.44 4.95
N ILE B 53 -30.64 3.90 4.37
CA ILE B 53 -30.54 3.96 2.94
C ILE B 53 -29.99 2.70 2.27
N ASP B 54 -29.64 1.69 3.02
CA ASP B 54 -29.14 0.48 2.42
C ASP B 54 -30.16 -0.09 1.48
N GLY B 55 -29.74 -0.45 0.28
CA GLY B 55 -30.63 -1.09 -0.64
C GLY B 55 -31.62 -0.13 -1.22
N VAL B 56 -31.34 1.14 -1.12
CA VAL B 56 -32.25 2.15 -1.58
C VAL B 56 -31.75 2.77 -2.86
N VAL B 57 -32.63 2.94 -3.83
CA VAL B 57 -32.25 3.49 -5.11
C VAL B 57 -32.94 4.80 -5.38
N LEU B 58 -32.17 5.79 -5.76
CA LEU B 58 -32.72 7.04 -6.19
C LEU B 58 -32.30 7.31 -7.59
N ILE B 59 -33.23 7.53 -8.48
CA ILE B 59 -32.88 7.88 -9.83
C ILE B 59 -33.47 9.22 -10.11
N ALA B 60 -32.84 9.98 -10.97
CA ALA B 60 -33.30 11.28 -11.33
C ALA B 60 -33.36 11.39 -12.84
N GLU B 61 -34.39 11.99 -13.35
CA GLU B 61 -34.46 12.29 -14.75
C GLU B 61 -33.43 13.31 -15.13
N HIS B 62 -33.16 14.22 -14.20
CA HIS B 62 -32.31 15.36 -14.42
C HIS B 62 -31.57 15.71 -13.17
N GLN B 63 -30.41 16.34 -13.27
CA GLN B 63 -29.71 16.87 -12.11
C GLN B 63 -29.28 18.29 -12.41
N THR B 64 -29.37 19.15 -11.40
CA THR B 64 -29.03 20.55 -11.55
C THR B 64 -27.68 20.97 -10.98
N ALA B 65 -27.25 20.24 -9.96
CA ALA B 65 -26.04 20.55 -9.27
C ALA B 65 -25.25 19.28 -9.13
N THR B 77 -28.59 17.49 -19.93
CA THR B 77 -29.97 17.71 -20.33
C THR B 77 -30.85 16.64 -19.73
N ALA B 78 -32.12 16.96 -19.49
CA ALA B 78 -32.98 15.99 -18.84
C ALA B 78 -33.25 14.80 -19.70
N ARG B 79 -33.11 13.62 -19.13
CA ARG B 79 -33.48 12.38 -19.80
C ARG B 79 -32.42 11.88 -20.71
N ALA B 80 -31.32 12.59 -20.77
CA ALA B 80 -30.20 12.23 -21.62
C ALA B 80 -29.26 11.25 -20.96
N GLN B 81 -29.38 11.01 -19.67
CA GLN B 81 -28.56 10.03 -18.99
C GLN B 81 -29.30 9.28 -17.96
N ILE B 82 -28.67 8.25 -17.46
CA ILE B 82 -29.18 7.62 -16.29
C ILE B 82 -28.36 8.09 -15.14
N ILE B 83 -28.98 8.79 -14.22
CA ILE B 83 -28.32 9.24 -13.04
C ILE B 83 -28.97 8.61 -11.85
N LEU B 84 -28.24 7.80 -11.13
CA LEU B 84 -28.77 7.17 -9.95
C LEU B 84 -27.78 7.04 -8.83
N SER B 85 -28.30 6.95 -7.62
CA SER B 85 -27.52 6.73 -6.44
C SER B 85 -28.10 5.58 -5.70
N VAL B 86 -27.26 4.75 -5.11
CA VAL B 86 -27.72 3.71 -4.24
C VAL B 86 -26.96 3.80 -2.96
N GLY B 87 -27.56 3.38 -1.86
CA GLY B 87 -26.92 3.41 -0.58
C GLY B 87 -26.48 2.04 -0.19
N VAL B 88 -25.34 1.93 0.47
CA VAL B 88 -24.83 0.65 0.89
C VAL B 88 -24.39 0.69 2.34
N ARG B 89 -24.53 -0.38 3.07
CA ARG B 89 -24.00 -0.39 4.39
C ARG B 89 -22.67 -1.02 4.34
N VAL B 90 -21.64 -0.22 4.59
CA VAL B 90 -20.27 -0.64 4.53
C VAL B 90 -19.63 -0.92 5.85
N VAL B 91 -20.37 -0.71 6.91
CA VAL B 91 -19.88 -0.82 8.26
C VAL B 91 -19.43 -2.23 8.65
N ASP B 92 -20.08 -3.22 8.08
CA ASP B 92 -19.86 -4.60 8.45
C ASP B 92 -18.74 -5.22 7.65
N VAL B 93 -18.08 -4.43 6.83
CA VAL B 93 -16.97 -4.88 6.02
C VAL B 93 -15.74 -4.13 6.49
N PRO B 94 -14.58 -4.75 6.41
CA PRO B 94 -13.38 -4.12 6.88
C PRO B 94 -13.04 -2.83 6.15
N VAL B 95 -12.56 -1.82 6.84
CA VAL B 95 -12.40 -0.52 6.24
C VAL B 95 -11.43 -0.50 5.07
N GLN B 96 -10.53 -1.45 5.04
CA GLN B 96 -9.51 -1.51 4.01
C GLN B 96 -10.09 -1.88 2.66
N ALA B 97 -11.25 -2.52 2.71
CA ALA B 97 -11.96 -2.99 1.53
C ALA B 97 -12.95 -2.02 0.97
N TRP B 98 -13.17 -0.91 1.61
CA TRP B 98 -14.16 -0.01 1.08
C TRP B 98 -13.78 0.52 -0.26
N GLY B 99 -12.51 0.54 -0.55
CA GLY B 99 -12.04 1.06 -1.80
C GLY B 99 -12.57 0.29 -2.97
N TRP B 100 -12.81 -0.97 -2.78
CA TRP B 100 -13.24 -1.81 -3.85
C TRP B 100 -14.64 -1.51 -4.26
N LEU B 101 -15.37 -0.74 -3.49
CA LEU B 101 -16.76 -0.46 -3.79
C LEU B 101 -17.05 0.37 -5.02
N SER B 102 -16.30 1.41 -5.24
CA SER B 102 -16.38 2.15 -6.47
C SER B 102 -15.90 1.39 -7.67
N LEU B 103 -14.89 0.56 -7.50
CA LEU B 103 -14.38 -0.28 -8.55
C LEU B 103 -15.36 -1.32 -8.99
N ALA B 104 -16.07 -1.88 -8.04
CA ALA B 104 -17.15 -2.77 -8.31
C ALA B 104 -18.28 -2.11 -9.02
N ALA B 105 -18.61 -0.89 -8.67
CA ALA B 105 -19.67 -0.18 -9.35
C ALA B 105 -19.42 0.12 -10.79
N GLY B 106 -18.23 0.50 -11.17
CA GLY B 106 -17.93 0.70 -12.56
C GLY B 106 -17.96 -0.52 -13.43
N LEU B 107 -17.50 -1.61 -12.88
CA LEU B 107 -17.59 -2.90 -13.50
C LEU B 107 -19.01 -3.33 -13.72
N ALA B 108 -19.89 -3.09 -12.77
CA ALA B 108 -21.29 -3.36 -12.96
C ALA B 108 -21.90 -2.53 -14.05
N VAL B 109 -21.45 -1.31 -14.18
CA VAL B 109 -21.89 -0.43 -15.24
C VAL B 109 -21.41 -0.87 -16.60
N LEU B 110 -20.15 -1.24 -16.71
CA LEU B 110 -19.59 -1.76 -17.94
C LEU B 110 -20.20 -3.08 -18.39
N ASP B 111 -20.50 -3.95 -17.46
CA ASP B 111 -21.07 -5.22 -17.76
C ASP B 111 -22.44 -5.13 -18.39
N SER B 112 -23.22 -4.18 -17.96
CA SER B 112 -24.56 -4.06 -18.46
C SER B 112 -24.70 -3.24 -19.71
N VAL B 113 -23.64 -2.56 -20.10
CA VAL B 113 -23.71 -1.68 -21.22
C VAL B 113 -22.85 -2.11 -22.38
N ALA B 114 -21.88 -2.96 -22.12
CA ALA B 114 -21.06 -3.52 -23.15
C ALA B 114 -21.84 -4.39 -24.10
N PRO B 115 -22.83 -5.09 -23.61
CA PRO B 115 -23.49 -6.02 -24.48
C PRO B 115 -24.14 -5.33 -25.65
N LEU B 116 -24.48 -4.08 -25.46
CA LEU B 116 -25.27 -3.38 -26.42
C LEU B 116 -24.51 -2.57 -27.39
N ILE B 117 -23.21 -2.72 -27.45
CA ILE B 117 -22.39 -1.99 -28.39
C ILE B 117 -21.81 -2.88 -29.45
N ALA B 118 -21.58 -2.40 -30.64
CA ALA B 118 -20.98 -3.28 -31.63
C ALA B 118 -19.47 -3.18 -31.66
N VAL B 119 -18.87 -2.28 -30.90
CA VAL B 119 -17.44 -2.20 -30.81
C VAL B 119 -16.88 -3.36 -30.05
N PRO B 120 -15.65 -3.73 -30.26
CA PRO B 120 -15.13 -4.96 -29.69
C PRO B 120 -14.91 -4.83 -28.18
N PRO B 121 -14.72 -5.93 -27.48
CA PRO B 121 -14.65 -5.91 -26.03
C PRO B 121 -13.51 -5.08 -25.53
N ALA B 122 -12.47 -4.93 -26.34
CA ALA B 122 -11.23 -4.30 -25.87
C ALA B 122 -11.14 -2.80 -26.04
N GLU B 123 -11.98 -2.23 -26.88
CA GLU B 123 -12.00 -0.80 -27.11
C GLU B 123 -12.36 -0.07 -25.80
N THR B 124 -13.23 -0.71 -25.06
CA THR B 124 -13.82 -0.16 -23.86
C THR B 124 -13.32 -0.79 -22.57
N GLY B 125 -13.33 -0.05 -21.48
CA GLY B 125 -12.79 -0.57 -20.26
C GLY B 125 -12.87 0.35 -19.09
N LEU B 126 -12.18 0.00 -18.04
CA LEU B 126 -12.24 0.72 -16.81
C LEU B 126 -11.00 1.52 -16.56
N LYS B 127 -11.19 2.78 -16.25
CA LYS B 127 -10.11 3.65 -15.86
C LYS B 127 -10.19 3.84 -14.40
N TRP B 128 -9.11 3.62 -13.67
CA TRP B 128 -9.09 3.67 -12.22
C TRP B 128 -9.22 5.06 -11.72
N PRO B 129 -10.00 5.35 -10.71
CA PRO B 129 -10.92 4.47 -10.06
C PRO B 129 -12.39 4.77 -10.28
N ASN B 130 -12.72 5.74 -11.11
CA ASN B 130 -14.08 6.18 -11.21
C ASN B 130 -14.75 6.08 -12.56
N ASP B 131 -14.07 5.68 -13.60
CA ASP B 131 -14.60 5.86 -14.92
C ASP B 131 -14.76 4.66 -15.79
N VAL B 132 -15.85 4.61 -16.53
CA VAL B 132 -16.00 3.67 -17.61
C VAL B 132 -15.66 4.40 -18.87
N LEU B 133 -14.84 3.80 -19.69
CA LEU B 133 -14.44 4.40 -20.94
C LEU B 133 -14.92 3.57 -22.11
N ALA B 134 -15.41 4.25 -23.13
CA ALA B 134 -15.76 3.60 -24.37
C ALA B 134 -14.99 4.26 -25.49
N ARG B 135 -14.20 3.48 -26.17
CA ARG B 135 -13.47 4.06 -27.25
C ARG B 135 -12.81 5.29 -26.72
N GLY B 136 -12.17 5.16 -25.60
CA GLY B 136 -11.30 6.19 -25.09
C GLY B 136 -12.11 7.29 -24.48
N GLY B 137 -13.39 7.28 -24.73
CA GLY B 137 -14.24 8.30 -24.17
C GLY B 137 -14.91 7.93 -22.88
N LYS B 138 -15.20 8.94 -22.04
CA LYS B 138 -15.83 8.66 -20.76
C LYS B 138 -17.29 8.41 -20.95
N LEU B 139 -17.68 7.16 -20.89
CA LEU B 139 -19.07 6.73 -20.84
C LEU B 139 -19.88 6.95 -19.56
N ALA B 140 -19.28 6.69 -18.43
CA ALA B 140 -19.94 6.83 -17.16
C ALA B 140 -18.97 7.06 -16.04
N GLY B 141 -19.44 7.66 -14.97
CA GLY B 141 -18.61 7.92 -13.84
C GLY B 141 -19.22 7.49 -12.57
N ILE B 142 -18.40 7.17 -11.60
CA ILE B 142 -18.86 6.74 -10.32
C ILE B 142 -18.41 7.70 -9.26
N LEU B 143 -19.30 8.15 -8.43
CA LEU B 143 -18.90 8.90 -7.26
C LEU B 143 -19.30 8.16 -6.03
N ALA B 144 -18.33 7.85 -5.19
CA ALA B 144 -18.63 7.20 -3.96
C ALA B 144 -18.35 8.15 -2.83
N GLU B 145 -19.30 8.28 -1.93
CA GLU B 145 -19.09 9.10 -0.76
C GLU B 145 -19.40 8.32 0.48
N VAL B 146 -18.46 8.23 1.40
CA VAL B 146 -18.76 7.63 2.68
C VAL B 146 -19.39 8.54 3.68
N ALA B 147 -20.31 7.97 4.42
CA ALA B 147 -21.00 8.63 5.50
C ALA B 147 -21.48 7.58 6.46
N GLN B 148 -20.62 7.02 7.26
CA GLN B 148 -20.92 5.78 7.90
C GLN B 148 -22.21 5.92 8.68
N PRO B 149 -23.00 4.88 8.71
CA PRO B 149 -22.65 3.52 8.35
C PRO B 149 -22.61 3.27 6.86
N PHE B 150 -22.88 4.27 6.06
CA PHE B 150 -23.19 4.05 4.68
C PHE B 150 -22.20 4.61 3.72
N VAL B 151 -22.15 3.98 2.57
CA VAL B 151 -21.53 4.57 1.42
C VAL B 151 -22.62 4.86 0.41
N VAL B 152 -22.57 6.02 -0.21
CA VAL B 152 -23.49 6.33 -1.28
C VAL B 152 -22.75 6.29 -2.58
N LEU B 153 -23.24 5.49 -3.51
CA LEU B 153 -22.65 5.34 -4.81
C LEU B 153 -23.45 6.04 -5.85
N GLY B 154 -22.85 6.97 -6.52
CA GLY B 154 -23.51 7.68 -7.55
C GLY B 154 -23.04 7.17 -8.85
N VAL B 155 -23.97 6.90 -9.75
CA VAL B 155 -23.63 6.53 -11.09
C VAL B 155 -24.22 7.49 -12.07
N GLY B 156 -23.42 7.98 -12.98
CA GLY B 156 -23.94 8.74 -14.08
C GLY B 156 -23.58 8.12 -15.41
N LEU B 157 -24.55 7.61 -16.13
CA LEU B 157 -24.28 7.04 -17.44
C LEU B 157 -24.82 7.88 -18.56
N ASN B 158 -23.96 8.27 -19.48
CA ASN B 158 -24.45 9.02 -20.60
C ASN B 158 -25.10 8.11 -21.57
N VAL B 159 -26.38 8.30 -21.79
CA VAL B 159 -27.16 7.54 -22.76
C VAL B 159 -27.34 8.23 -24.08
N THR B 160 -27.74 9.48 -24.09
CA THR B 160 -27.92 10.21 -25.34
C THR B 160 -27.17 11.53 -25.51
N GLN B 161 -26.75 12.15 -24.44
CA GLN B 161 -26.02 13.39 -24.55
C GLN B 161 -25.06 13.51 -23.40
N ALA B 162 -24.45 14.68 -23.28
CA ALA B 162 -23.52 14.97 -22.21
C ALA B 162 -22.08 14.78 -22.62
N PRO B 168 -15.58 17.05 -23.36
CA PRO B 168 -14.25 16.55 -23.00
C PRO B 168 -13.83 15.44 -23.93
N ASP B 169 -13.68 14.28 -23.32
CA ASP B 169 -13.59 12.99 -23.99
C ASP B 169 -14.88 12.23 -23.75
N ALA B 170 -15.91 12.93 -23.32
CA ALA B 170 -17.15 12.28 -22.94
C ALA B 170 -17.79 11.64 -24.14
N THR B 171 -18.59 10.61 -23.91
CA THR B 171 -19.35 9.92 -24.95
C THR B 171 -20.63 9.29 -24.43
N SER B 172 -21.42 8.73 -25.32
CA SER B 172 -22.73 8.26 -24.97
C SER B 172 -23.03 6.98 -25.69
N LEU B 173 -24.06 6.28 -25.30
CA LEU B 173 -24.41 5.08 -25.96
C LEU B 173 -24.82 5.42 -27.39
N LEU B 174 -25.33 6.61 -27.58
CA LEU B 174 -25.74 7.08 -28.89
C LEU B 174 -24.62 7.29 -29.87
N ASP B 175 -23.50 7.82 -29.42
CA ASP B 175 -22.42 8.04 -30.33
C ASP B 175 -21.71 6.77 -30.62
N LEU B 176 -22.17 5.70 -30.01
CA LEU B 176 -21.51 4.44 -30.15
C LEU B 176 -22.29 3.45 -30.94
N GLY B 177 -23.44 3.91 -31.38
CA GLY B 177 -24.36 3.21 -32.23
C GLY B 177 -25.63 2.62 -31.69
N VAL B 178 -25.77 2.55 -30.39
CA VAL B 178 -27.03 2.08 -29.90
C VAL B 178 -27.98 3.11 -30.44
N ALA B 179 -28.90 2.71 -31.31
CA ALA B 179 -29.92 3.63 -31.86
C ALA B 179 -31.09 4.12 -31.01
N ALA B 180 -31.69 3.22 -30.29
CA ALA B 180 -32.78 3.60 -29.46
C ALA B 180 -32.61 3.01 -28.10
N PRO B 181 -31.67 3.51 -27.35
CA PRO B 181 -31.44 2.89 -26.07
C PRO B 181 -32.68 2.98 -25.26
N ASP B 182 -33.09 1.91 -24.65
CA ASP B 182 -34.19 1.98 -23.78
C ASP B 182 -33.64 2.13 -22.41
N ARG B 183 -33.82 3.27 -21.81
CA ARG B 183 -33.26 3.57 -20.52
C ARG B 183 -33.78 2.69 -19.45
N ASN B 184 -34.99 2.22 -19.60
CA ASN B 184 -35.58 1.30 -18.66
C ASN B 184 -34.96 -0.06 -18.60
N ARG B 185 -34.62 -0.62 -19.73
CA ARG B 185 -33.92 -1.88 -19.76
C ARG B 185 -32.54 -1.76 -19.20
N ILE B 186 -31.84 -0.71 -19.57
CA ILE B 186 -30.53 -0.45 -19.04
C ILE B 186 -30.42 -0.17 -17.58
N ALA B 187 -31.31 0.66 -17.07
CA ALA B 187 -31.35 0.94 -15.67
C ALA B 187 -31.66 -0.33 -14.92
N SER B 188 -32.48 -1.17 -15.49
CA SER B 188 -32.85 -2.40 -14.86
C SER B 188 -31.72 -3.35 -14.74
N ARG B 189 -30.98 -3.54 -15.81
CA ARG B 189 -29.79 -4.36 -15.79
C ARG B 189 -28.64 -3.78 -15.00
N LEU B 190 -28.50 -2.48 -15.01
CA LEU B 190 -27.45 -1.85 -14.27
C LEU B 190 -27.56 -2.09 -12.81
N LEU B 191 -28.76 -1.99 -12.29
CA LEU B 191 -29.05 -2.31 -10.92
C LEU B 191 -28.87 -3.75 -10.61
N ARG B 192 -29.21 -4.59 -11.54
CA ARG B 192 -29.08 -6.09 -11.31
C ARG B 192 -27.64 -6.44 -11.25
N GLU B 193 -26.81 -5.87 -12.07
CA GLU B 193 -25.38 -6.01 -12.02
C GLU B 193 -24.74 -5.38 -10.84
N LEU B 194 -25.18 -4.21 -10.49
CA LEU B 194 -24.67 -3.54 -9.33
C LEU B 194 -24.94 -4.31 -8.09
N GLU B 195 -26.11 -4.85 -7.98
CA GLU B 195 -26.41 -5.67 -6.85
C GLU B 195 -25.52 -6.87 -6.77
N ALA B 196 -25.26 -7.51 -7.89
CA ALA B 196 -24.42 -8.66 -7.92
C ALA B 196 -23.01 -8.40 -7.53
N ARG B 197 -22.46 -7.31 -7.98
CA ARG B 197 -21.13 -6.92 -7.59
C ARG B 197 -20.99 -6.53 -6.15
N ILE B 198 -21.98 -5.90 -5.58
CA ILE B 198 -21.90 -5.49 -4.21
C ILE B 198 -21.86 -6.69 -3.32
N ILE B 199 -22.53 -7.73 -3.72
CA ILE B 199 -22.52 -8.98 -3.01
C ILE B 199 -21.18 -9.65 -3.07
N GLN B 200 -20.53 -9.64 -4.20
CA GLN B 200 -19.20 -10.17 -4.33
C GLN B 200 -18.23 -9.39 -3.49
N TRP B 201 -18.37 -8.07 -3.46
CA TRP B 201 -17.52 -7.24 -2.61
C TRP B 201 -17.71 -7.49 -1.16
N ARG B 202 -18.94 -7.61 -0.73
CA ARG B 202 -19.22 -7.84 0.64
C ARG B 202 -18.61 -9.13 1.11
N ASN B 203 -18.50 -10.08 0.23
CA ASN B 203 -18.09 -11.39 0.60
C ASN B 203 -16.70 -11.70 0.23
N ALA B 204 -15.97 -10.72 -0.22
CA ALA B 204 -14.60 -10.94 -0.57
C ALA B 204 -14.42 -11.97 -1.62
N ASN B 205 -15.26 -11.95 -2.63
CA ASN B 205 -15.21 -12.90 -3.69
C ASN B 205 -14.12 -12.51 -4.65
N PRO B 206 -13.21 -13.41 -4.93
CA PRO B 206 -12.08 -13.14 -5.80
C PRO B 206 -12.50 -12.84 -7.21
N GLN B 207 -13.68 -13.21 -7.61
CA GLN B 207 -14.10 -12.98 -8.95
C GLN B 207 -14.13 -11.50 -9.19
N LEU B 208 -14.41 -10.73 -8.16
CA LEU B 208 -14.44 -9.30 -8.28
C LEU B 208 -13.12 -8.64 -8.60
N ALA B 209 -12.06 -9.04 -7.96
CA ALA B 209 -10.76 -8.58 -8.30
C ALA B 209 -10.32 -9.00 -9.68
N ALA B 210 -10.58 -10.22 -10.07
CA ALA B 210 -10.27 -10.73 -11.39
C ALA B 210 -11.06 -10.14 -12.53
N ASP B 211 -12.34 -10.00 -12.32
CA ASP B 211 -13.13 -9.39 -13.33
C ASP B 211 -12.72 -7.98 -13.55
N TYR B 212 -12.40 -7.25 -12.49
CA TYR B 212 -11.90 -5.89 -12.62
C TYR B 212 -10.60 -5.80 -13.36
N ARG B 213 -9.65 -6.64 -13.08
CA ARG B 213 -8.40 -6.60 -13.78
C ARG B 213 -8.52 -6.90 -15.24
N ALA B 214 -9.45 -7.75 -15.60
CA ALA B 214 -9.65 -8.15 -16.95
C ALA B 214 -10.03 -6.97 -17.78
N ARG B 215 -10.83 -6.10 -17.22
CA ARG B 215 -11.38 -5.00 -17.96
C ARG B 215 -10.71 -3.69 -17.67
N SER B 216 -9.56 -3.74 -17.04
CA SER B 216 -8.85 -2.56 -16.67
C SER B 216 -8.09 -1.95 -17.78
N LEU B 217 -8.37 -0.72 -18.12
CA LEU B 217 -7.60 -0.02 -19.09
C LEU B 217 -6.39 0.62 -18.49
N THR B 218 -6.43 0.86 -17.21
CA THR B 218 -5.32 1.38 -16.45
C THR B 218 -4.13 0.48 -16.22
N ILE B 219 -4.34 -0.79 -16.02
CA ILE B 219 -3.24 -1.66 -15.84
C ILE B 219 -2.52 -1.87 -17.12
N GLY B 220 -1.21 -1.80 -17.08
CA GLY B 220 -0.39 -1.98 -18.23
C GLY B 220 -0.14 -0.69 -18.91
N SER B 221 -0.80 0.32 -18.41
CA SER B 221 -0.75 1.64 -18.99
C SER B 221 0.31 2.48 -18.37
N ARG B 222 0.81 3.48 -19.05
CA ARG B 222 1.73 4.35 -18.39
C ARG B 222 0.92 5.51 -17.96
N VAL B 223 0.97 5.86 -16.69
CA VAL B 223 0.04 6.81 -16.13
C VAL B 223 0.73 7.95 -15.41
N ARG B 224 0.03 9.05 -15.26
CA ARG B 224 0.43 10.07 -14.33
C ARG B 224 -0.60 10.15 -13.26
N VAL B 225 -0.17 10.12 -12.03
CA VAL B 225 -1.08 10.27 -10.92
C VAL B 225 -0.96 11.68 -10.45
N GLU B 226 -2.06 12.38 -10.44
CA GLU B 226 -2.09 13.72 -9.98
C GLU B 226 -2.47 13.72 -8.53
N LEU B 227 -1.54 14.12 -7.67
CA LEU B 227 -1.73 14.13 -6.25
C LEU B 227 -1.96 15.53 -5.73
N PRO B 228 -2.56 15.65 -4.58
CA PRO B 228 -2.95 16.95 -4.11
C PRO B 228 -1.76 17.85 -3.90
N GLY B 229 -1.97 19.13 -3.95
CA GLY B 229 -0.89 20.07 -3.84
C GLY B 229 0.18 20.06 -4.88
N GLY B 230 -0.16 19.85 -6.12
CA GLY B 230 0.80 19.97 -7.17
C GLY B 230 1.84 18.92 -7.38
N GLN B 231 1.56 17.69 -7.01
CA GLN B 231 2.52 16.64 -7.15
C GLN B 231 2.02 15.62 -8.12
N ASP B 232 2.86 15.20 -9.04
CA ASP B 232 2.52 14.22 -10.03
C ASP B 232 3.50 13.11 -9.95
N VAL B 233 3.04 11.89 -10.20
CA VAL B 233 3.92 10.75 -10.30
C VAL B 233 3.64 9.99 -11.55
N VAL B 234 4.67 9.73 -12.32
CA VAL B 234 4.55 8.98 -13.53
C VAL B 234 5.16 7.60 -13.44
N GLY B 235 4.46 6.62 -13.95
CA GLY B 235 4.86 5.25 -13.83
C GLY B 235 4.00 4.31 -14.62
N ILE B 236 4.20 3.02 -14.45
CA ILE B 236 3.39 2.04 -15.13
C ILE B 236 2.53 1.45 -14.11
N ALA B 237 1.25 1.40 -14.38
CA ALA B 237 0.37 0.83 -13.45
C ALA B 237 0.51 -0.63 -13.66
N ARG B 238 1.13 -1.28 -12.71
CA ARG B 238 1.22 -2.70 -12.67
C ARG B 238 0.00 -3.46 -12.26
N ASP B 239 -0.65 -3.02 -11.27
CA ASP B 239 -1.69 -3.79 -10.62
C ASP B 239 -2.63 -2.96 -9.81
N ILE B 240 -3.61 -3.62 -9.23
CA ILE B 240 -4.48 -3.04 -8.26
C ILE B 240 -4.27 -3.88 -7.06
N ASP B 241 -4.10 -3.29 -5.91
CA ASP B 241 -3.80 -4.03 -4.70
C ASP B 241 -5.07 -4.51 -4.04
N ASP B 242 -4.96 -5.15 -2.88
CA ASP B 242 -6.12 -5.66 -2.18
C ASP B 242 -6.90 -4.54 -1.52
N GLN B 243 -6.60 -3.30 -1.91
CA GLN B 243 -7.28 -2.13 -1.35
C GLN B 243 -7.75 -1.20 -2.46
N GLY B 244 -7.96 -1.75 -3.64
CA GLY B 244 -8.41 -0.96 -4.78
C GLY B 244 -7.41 0.11 -5.18
N ARG B 245 -6.16 -0.08 -4.77
CA ARG B 245 -5.11 0.88 -5.08
C ARG B 245 -4.64 0.72 -6.52
N LEU B 246 -3.38 1.10 -6.78
CA LEU B 246 -2.81 1.00 -8.11
C LEU B 246 -1.28 0.98 -8.05
N CYS B 247 -0.71 -0.21 -7.89
CA CYS B 247 0.73 -0.38 -7.82
C CYS B 247 1.40 0.07 -9.12
N LEU B 248 2.27 1.06 -9.03
CA LEU B 248 2.98 1.57 -10.19
C LEU B 248 4.49 1.38 -10.06
N ASP B 249 5.11 0.93 -11.15
CA ASP B 249 6.55 0.70 -11.16
C ASP B 249 7.30 1.95 -11.61
N VAL B 250 7.88 2.67 -10.65
CA VAL B 250 8.62 3.87 -10.95
C VAL B 250 10.09 3.58 -10.94
N GLY B 251 10.63 3.21 -12.08
CA GLY B 251 12.01 2.88 -12.16
C GLY B 251 12.41 1.71 -11.31
N GLY B 252 11.49 0.79 -11.18
CA GLY B 252 11.69 -0.45 -10.48
C GLY B 252 11.30 -0.33 -9.04
N ARG B 253 11.03 0.90 -8.63
CA ARG B 253 10.48 1.15 -7.32
C ARG B 253 8.98 1.12 -7.37
N THR B 254 8.34 0.60 -6.35
CA THR B 254 6.91 0.47 -6.37
C THR B 254 6.25 1.48 -5.49
N VAL B 255 5.27 2.16 -6.03
CA VAL B 255 4.52 3.14 -5.29
C VAL B 255 3.09 2.74 -5.34
N VAL B 256 2.42 2.73 -4.22
CA VAL B 256 1.01 2.42 -4.20
C VAL B 256 0.25 3.64 -3.87
N VAL B 257 -0.76 3.97 -4.65
CA VAL B 257 -1.56 5.14 -4.37
C VAL B 257 -3.03 4.82 -4.14
N SER B 258 -3.62 5.54 -3.21
CA SER B 258 -5.03 5.51 -2.97
C SER B 258 -5.88 6.39 -3.88
N ALA B 259 -7.16 6.16 -3.93
CA ALA B 259 -7.80 6.74 -5.05
C ALA B 259 -7.30 8.15 -5.16
N GLY B 260 -6.85 8.47 -6.36
CA GLY B 260 -6.26 9.72 -6.81
C GLY B 260 -6.71 9.91 -8.24
N ASP B 261 -6.23 10.92 -8.93
CA ASP B 261 -6.71 11.15 -10.28
C ASP B 261 -5.64 10.80 -11.27
N VAL B 262 -5.91 9.92 -12.20
CA VAL B 262 -4.86 9.46 -13.08
C VAL B 262 -5.08 9.78 -14.52
N VAL B 263 -4.00 10.00 -15.22
CA VAL B 263 -4.06 10.33 -16.61
C VAL B 263 -3.38 9.25 -17.41
N HIS B 264 -3.98 8.79 -18.48
CA HIS B 264 -3.36 7.75 -19.24
C HIS B 264 -2.46 8.34 -20.28
N LEU B 265 -1.24 7.85 -20.32
CA LEU B 265 -0.24 8.22 -21.31
C LEU B 265 0.03 7.20 -22.41
N ARG B 266 0.12 5.92 -22.08
CA ARG B 266 0.24 4.83 -23.01
C ARG B 266 -1.10 4.17 -23.20
#